data_2HKA
#
_entry.id   2HKA
#
_cell.length_a   122.380
_cell.length_b   62.163
_cell.length_c   72.449
_cell.angle_alpha   90.00
_cell.angle_beta   98.62
_cell.angle_gamma   90.00
#
_symmetry.space_group_name_H-M   'C 1 2 1'
#
loop_
_entity.id
_entity.type
_entity.pdbx_description
1 polymer 'Epididymal secretory protein E1'
2 non-polymer 2-acetamido-2-deoxy-beta-D-glucopyranose
3 non-polymer 'ACETATE ION'
4 non-polymer 'SULFATE ION'
5 non-polymer 'CHOLEST-5-EN-3-YL HYDROGEN SULFATE'
6 non-polymer GLYCEROL
7 water water
#
_entity_poly.entity_id   1
_entity_poly.type   'polypeptide(L)'
_entity_poly.pdbx_seq_one_letter_code
;EPVKFKDCGSWVGVIKEVNVSPCPTQPCKLHRGQSYSVNVTFTSNTQSQSSKAVVHGIVMGIPVPFPIPESDGCKSGIRC
PIEKDKTYNYVNKLPVKNEYPSIKVVVEWELTDDKNQRFFCWQIPIEVEA
;
_entity_poly.pdbx_strand_id   A,B,C
#
loop_
_chem_comp.id
_chem_comp.type
_chem_comp.name
_chem_comp.formula
ACT non-polymer 'ACETATE ION' 'C2 H3 O2 -1'
C3S non-polymer 'CHOLEST-5-EN-3-YL HYDROGEN SULFATE' 'C27 H46 O4 S'
GOL non-polymer GLYCEROL 'C3 H8 O3'
NAG D-saccharide, beta linking 2-acetamido-2-deoxy-beta-D-glucopyranose 'C8 H15 N O6'
SO4 non-polymer 'SULFATE ION' 'O4 S -2'
#
# COMPACT_ATOMS: atom_id res chain seq x y z
N GLU A 1 -12.58 22.14 8.57
CA GLU A 1 -11.13 22.51 8.70
C GLU A 1 -10.24 21.54 7.94
N PRO A 2 -9.07 22.04 7.48
CA PRO A 2 -8.14 21.19 6.74
C PRO A 2 -7.57 20.22 7.77
N VAL A 3 -7.43 18.95 7.41
CA VAL A 3 -6.90 17.99 8.37
C VAL A 3 -5.70 17.23 7.83
N LYS A 4 -4.87 16.73 8.74
CA LYS A 4 -3.71 15.95 8.36
C LYS A 4 -4.21 14.58 7.91
N PHE A 5 -3.67 14.09 6.81
CA PHE A 5 -4.08 12.80 6.29
C PHE A 5 -2.90 12.04 5.74
N LYS A 6 -3.10 10.75 5.54
CA LYS A 6 -2.08 9.88 4.98
C LYS A 6 -2.65 9.46 3.63
N ASP A 7 -1.84 9.55 2.58
CA ASP A 7 -2.30 9.15 1.27
C ASP A 7 -2.09 7.64 1.16
N CYS A 8 -3.15 6.92 0.81
CA CYS A 8 -3.08 5.46 0.69
C CYS A 8 -2.96 4.92 -0.71
N GLY A 9 -2.65 5.77 -1.68
CA GLY A 9 -2.50 5.28 -3.04
C GLY A 9 -3.13 6.10 -4.15
N SER A 10 -3.25 7.41 -3.96
CA SER A 10 -3.82 8.25 -5.00
C SER A 10 -2.89 8.00 -6.19
N TRP A 11 -3.47 7.69 -7.35
CA TRP A 11 -2.67 7.38 -8.53
C TRP A 11 -3.02 8.23 -9.74
N VAL A 12 -4.30 8.37 -10.06
CA VAL A 12 -4.72 9.17 -11.21
C VAL A 12 -5.25 10.54 -10.77
N GLY A 13 -4.86 10.93 -9.56
CA GLY A 13 -5.26 12.21 -9.03
C GLY A 13 -4.29 12.62 -7.94
N VAL A 14 -4.29 13.91 -7.61
CA VAL A 14 -3.40 14.45 -6.58
C VAL A 14 -4.24 15.19 -5.56
N ILE A 15 -4.12 14.82 -4.29
CA ILE A 15 -4.88 15.48 -3.25
C ILE A 15 -4.24 16.81 -2.87
N LYS A 16 -5.06 17.85 -2.84
CA LYS A 16 -4.61 19.18 -2.47
C LYS A 16 -5.02 19.46 -1.03
N GLU A 17 -6.19 18.95 -0.65
CA GLU A 17 -6.68 19.16 0.70
C GLU A 17 -7.86 18.27 1.08
N VAL A 18 -7.89 17.86 2.34
CA VAL A 18 -8.97 17.04 2.87
C VAL A 18 -9.55 17.89 3.99
N ASN A 19 -10.78 18.35 3.80
CA ASN A 19 -11.44 19.20 4.78
C ASN A 19 -12.64 18.52 5.42
N VAL A 20 -12.58 18.33 6.74
CA VAL A 20 -13.67 17.73 7.49
C VAL A 20 -14.19 18.79 8.46
N SER A 21 -15.51 19.00 8.46
CA SER A 21 -16.10 20.01 9.32
C SER A 21 -17.37 19.52 10.00
N PRO A 22 -17.55 19.85 11.28
CA PRO A 22 -16.62 20.65 12.10
C PRO A 22 -15.53 19.80 12.73
N CYS A 23 -14.29 20.26 12.66
CA CYS A 23 -13.15 19.55 13.25
C CYS A 23 -12.11 20.57 13.72
N PRO A 24 -12.38 21.24 14.86
CA PRO A 24 -11.46 22.24 15.42
C PRO A 24 -10.12 21.72 15.93
N THR A 25 -10.09 20.44 16.32
CA THR A 25 -8.84 19.84 16.82
C THR A 25 -8.75 18.43 16.25
N GLN A 26 -7.53 17.89 16.15
CA GLN A 26 -7.32 16.56 15.58
C GLN A 26 -6.61 15.59 16.52
N PRO A 27 -6.84 14.27 16.34
CA PRO A 27 -7.71 13.65 15.33
C PRO A 27 -9.15 14.10 15.53
N CYS A 28 -9.86 14.34 14.44
CA CYS A 28 -11.24 14.80 14.54
C CYS A 28 -12.07 13.91 15.45
N LYS A 29 -12.82 14.54 16.35
CA LYS A 29 -13.68 13.80 17.26
C LYS A 29 -15.07 13.92 16.66
N LEU A 30 -15.69 12.78 16.40
CA LEU A 30 -17.02 12.77 15.79
C LEU A 30 -18.05 12.23 16.77
N HIS A 31 -19.13 12.97 16.94
CA HIS A 31 -20.20 12.58 17.85
C HIS A 31 -21.22 11.66 17.18
N ARG A 32 -21.58 10.60 17.90
CA ARG A 32 -22.56 9.65 17.39
C ARG A 32 -23.86 10.40 17.20
N GLY A 33 -24.47 10.19 16.03
CA GLY A 33 -25.72 10.85 15.69
C GLY A 33 -25.52 12.08 14.84
N GLN A 34 -24.26 12.48 14.67
CA GLN A 34 -23.95 13.68 13.89
C GLN A 34 -23.31 13.30 12.56
N SER A 35 -23.47 14.17 11.56
CA SER A 35 -22.87 13.95 10.25
C SER A 35 -21.86 15.06 10.02
N TYR A 36 -20.77 14.73 9.34
CA TYR A 36 -19.73 15.72 9.09
C TYR A 36 -19.51 15.98 7.62
N SER A 37 -19.25 17.24 7.28
CA SER A 37 -19.03 17.62 5.90
C SER A 37 -17.62 17.26 5.48
N VAL A 38 -17.50 16.56 4.37
CA VAL A 38 -16.20 16.17 3.85
C VAL A 38 -16.01 16.86 2.50
N ASN A 39 -14.91 17.58 2.37
CA ASN A 39 -14.62 18.31 1.13
C ASN A 39 -13.19 17.98 0.73
N VAL A 40 -13.04 17.19 -0.34
CA VAL A 40 -11.73 16.79 -0.81
C VAL A 40 -11.40 17.51 -2.11
N THR A 41 -10.37 18.34 -2.08
CA THR A 41 -9.93 19.06 -3.27
C THR A 41 -8.79 18.25 -3.87
N PHE A 42 -8.93 17.88 -5.14
CA PHE A 42 -7.90 17.11 -5.81
C PHE A 42 -7.84 17.50 -7.28
N THR A 43 -6.70 17.23 -7.90
CA THR A 43 -6.51 17.53 -9.31
C THR A 43 -6.45 16.18 -10.03
N SER A 44 -7.20 16.06 -11.12
CA SER A 44 -7.23 14.81 -11.87
C SER A 44 -6.05 14.70 -12.84
N ASN A 45 -5.50 13.49 -12.96
CA ASN A 45 -4.39 13.22 -13.87
C ASN A 45 -4.90 12.44 -15.08
N THR A 46 -6.21 12.33 -15.21
CA THR A 46 -6.80 11.58 -16.31
C THR A 46 -8.24 12.02 -16.53
N GLN A 47 -8.93 11.34 -17.43
CA GLN A 47 -10.34 11.64 -17.68
C GLN A 47 -11.12 10.39 -17.38
N SER A 48 -12.41 10.53 -17.15
CA SER A 48 -13.26 9.38 -16.82
C SER A 48 -14.72 9.76 -16.96
N GLN A 49 -15.53 8.79 -17.40
CA GLN A 49 -16.95 9.02 -17.57
C GLN A 49 -17.65 8.97 -16.21
N SER A 50 -17.12 8.15 -15.31
CA SER A 50 -17.71 7.99 -14.00
C SER A 50 -16.68 8.00 -12.88
N SER A 51 -17.18 8.01 -11.65
CA SER A 51 -16.34 7.97 -10.46
C SER A 51 -17.18 7.34 -9.36
N LYS A 52 -16.53 6.52 -8.54
CA LYS A 52 -17.22 5.85 -7.44
C LYS A 52 -16.41 6.01 -6.16
N ALA A 53 -17.11 6.27 -5.07
CA ALA A 53 -16.46 6.44 -3.78
C ALA A 53 -16.72 5.22 -2.91
N VAL A 54 -15.67 4.76 -2.24
CA VAL A 54 -15.79 3.65 -1.32
C VAL A 54 -15.10 4.08 -0.04
N VAL A 55 -15.79 3.90 1.08
CA VAL A 55 -15.25 4.29 2.37
C VAL A 55 -15.17 3.09 3.31
N HIS A 56 -14.10 3.04 4.09
CA HIS A 56 -13.91 1.97 5.05
C HIS A 56 -13.60 2.56 6.42
N GLY A 57 -14.10 1.89 7.45
CA GLY A 57 -13.84 2.31 8.82
C GLY A 57 -12.98 1.24 9.45
N ILE A 58 -11.70 1.53 9.63
CA ILE A 58 -10.79 0.56 10.22
C ILE A 58 -10.97 0.54 11.73
N VAL A 59 -11.66 -0.49 12.22
CA VAL A 59 -11.94 -0.65 13.64
C VAL A 59 -11.18 -1.83 14.23
N MET A 60 -10.43 -1.58 15.30
CA MET A 60 -9.67 -2.64 15.94
C MET A 60 -8.79 -3.32 14.90
N GLY A 61 -8.31 -2.54 13.95
CA GLY A 61 -7.46 -3.06 12.90
C GLY A 61 -8.16 -3.67 11.69
N ILE A 62 -9.47 -3.85 11.81
CA ILE A 62 -10.26 -4.46 10.74
C ILE A 62 -10.99 -3.43 9.87
N PRO A 63 -10.70 -3.40 8.57
CA PRO A 63 -11.40 -2.43 7.71
C PRO A 63 -12.81 -2.93 7.41
N VAL A 64 -13.81 -2.11 7.72
CA VAL A 64 -15.19 -2.48 7.49
C VAL A 64 -15.82 -1.43 6.58
N PRO A 65 -16.64 -1.84 5.61
CA PRO A 65 -17.26 -0.85 4.73
C PRO A 65 -18.02 0.16 5.58
N PHE A 66 -17.89 1.45 5.24
CA PHE A 66 -18.54 2.51 5.99
C PHE A 66 -19.64 3.15 5.15
N PRO A 67 -20.89 3.13 5.63
CA PRO A 67 -22.03 3.71 4.90
C PRO A 67 -21.95 5.23 4.70
N ILE A 68 -22.19 5.67 3.47
CA ILE A 68 -22.21 7.10 3.16
C ILE A 68 -23.47 7.34 2.34
N PRO A 69 -23.96 8.60 2.30
CA PRO A 69 -25.17 8.98 1.57
C PRO A 69 -25.17 8.77 0.07
N GLU A 70 -24.03 9.02 -0.56
CA GLU A 70 -23.89 8.92 -2.00
C GLU A 70 -22.55 8.32 -2.36
N SER A 71 -22.57 7.31 -3.22
CA SER A 71 -21.33 6.65 -3.63
C SER A 71 -20.93 7.03 -5.07
N ASP A 72 -21.82 7.74 -5.76
CA ASP A 72 -21.56 8.21 -7.13
C ASP A 72 -20.83 9.54 -7.05
N GLY A 73 -19.55 9.52 -7.41
CA GLY A 73 -18.76 10.75 -7.37
C GLY A 73 -19.35 11.87 -8.20
N CYS A 74 -19.95 11.51 -9.33
CA CYS A 74 -20.54 12.50 -10.23
C CYS A 74 -21.78 13.17 -9.64
N LYS A 75 -22.21 12.70 -8.49
CA LYS A 75 -23.35 13.30 -7.80
C LYS A 75 -22.84 13.85 -6.48
N SER A 76 -21.51 13.99 -6.40
CA SER A 76 -20.86 14.50 -5.19
C SER A 76 -20.07 15.78 -5.44
N GLY A 77 -20.63 16.70 -6.21
CA GLY A 77 -19.95 17.95 -6.47
C GLY A 77 -18.97 17.93 -7.63
N ILE A 78 -18.86 16.79 -8.30
CA ILE A 78 -17.96 16.65 -9.44
C ILE A 78 -18.79 16.63 -10.71
N ARG A 79 -18.55 17.59 -11.59
CA ARG A 79 -19.28 17.67 -12.85
C ARG A 79 -18.59 16.76 -13.86
N CYS A 80 -19.14 15.57 -14.04
CA CYS A 80 -18.55 14.61 -14.97
C CYS A 80 -19.03 14.91 -16.40
N PRO A 81 -18.26 14.48 -17.41
CA PRO A 81 -17.01 13.72 -17.36
C PRO A 81 -15.84 14.44 -16.65
N ILE A 82 -15.06 13.69 -15.90
CA ILE A 82 -13.90 14.25 -15.23
C ILE A 82 -12.85 14.39 -16.34
N GLU A 83 -12.16 15.52 -16.39
CA GLU A 83 -11.17 15.75 -17.43
C GLU A 83 -9.78 15.96 -16.85
N LYS A 84 -8.77 15.59 -17.62
CA LYS A 84 -7.38 15.69 -17.18
C LYS A 84 -6.92 17.09 -16.82
N ASP A 85 -6.18 17.17 -15.71
CA ASP A 85 -5.63 18.42 -15.20
C ASP A 85 -6.63 19.44 -14.66
N LYS A 86 -7.85 19.02 -14.38
CA LYS A 86 -8.84 19.93 -13.82
C LYS A 86 -8.89 19.66 -12.32
N THR A 87 -9.19 20.70 -11.54
CA THR A 87 -9.27 20.57 -10.08
C THR A 87 -10.73 20.43 -9.66
N TYR A 88 -11.00 19.46 -8.79
CA TYR A 88 -12.36 19.22 -8.34
C TYR A 88 -12.50 19.25 -6.83
N ASN A 89 -13.72 19.50 -6.37
CA ASN A 89 -14.05 19.50 -4.95
C ASN A 89 -15.10 18.43 -4.73
N TYR A 90 -14.64 17.27 -4.27
CA TYR A 90 -15.53 16.15 -3.96
C TYR A 90 -16.15 16.48 -2.61
N VAL A 91 -17.48 16.52 -2.56
CA VAL A 91 -18.18 16.85 -1.33
C VAL A 91 -19.21 15.81 -0.94
N ASN A 92 -19.17 15.39 0.32
CA ASN A 92 -20.10 14.39 0.81
C ASN A 92 -20.24 14.56 2.32
N LYS A 93 -20.99 13.64 2.92
CA LYS A 93 -21.18 13.65 4.36
C LYS A 93 -20.67 12.34 4.92
N LEU A 94 -20.10 12.40 6.12
CA LEU A 94 -19.62 11.20 6.79
C LEU A 94 -20.56 11.06 7.97
N PRO A 95 -21.60 10.21 7.83
CA PRO A 95 -22.57 10.02 8.90
C PRO A 95 -22.07 9.12 10.02
N VAL A 96 -22.12 9.61 11.26
CA VAL A 96 -21.72 8.79 12.39
C VAL A 96 -23.05 8.40 13.04
N LYS A 97 -23.46 7.15 12.84
CA LYS A 97 -24.73 6.70 13.39
C LYS A 97 -24.68 6.57 14.90
N ASN A 98 -25.85 6.69 15.52
CA ASN A 98 -25.98 6.60 16.96
C ASN A 98 -25.52 5.25 17.49
N GLU A 99 -25.72 4.20 16.68
CA GLU A 99 -25.36 2.83 17.06
C GLU A 99 -23.86 2.53 17.01
N TYR A 100 -23.09 3.36 16.32
CA TYR A 100 -21.65 3.13 16.22
C TYR A 100 -20.94 3.19 17.57
N PRO A 101 -20.09 2.20 17.86
CA PRO A 101 -19.35 2.16 19.13
C PRO A 101 -18.40 3.35 19.30
N SER A 102 -18.19 3.74 20.55
CA SER A 102 -17.31 4.87 20.86
C SER A 102 -15.87 4.42 20.96
N ILE A 103 -15.16 4.45 19.84
CA ILE A 103 -13.76 4.05 19.83
C ILE A 103 -12.98 4.77 18.75
N LYS A 104 -11.69 4.48 18.68
CA LYS A 104 -10.85 5.07 17.66
C LYS A 104 -11.14 4.33 16.36
N VAL A 105 -11.17 5.08 15.27
CA VAL A 105 -11.42 4.51 13.95
C VAL A 105 -10.53 5.21 12.94
N VAL A 106 -10.03 4.47 11.96
CA VAL A 106 -9.26 5.11 10.91
C VAL A 106 -10.19 5.07 9.72
N VAL A 107 -10.53 6.25 9.19
CA VAL A 107 -11.41 6.35 8.06
C VAL A 107 -10.59 6.39 6.78
N GLU A 108 -10.89 5.48 5.86
CA GLU A 108 -10.19 5.44 4.58
C GLU A 108 -11.24 5.79 3.53
N TRP A 109 -10.94 6.78 2.70
CA TRP A 109 -11.86 7.24 1.67
C TRP A 109 -11.17 7.23 0.33
N GLU A 110 -11.80 6.65 -0.67
CA GLU A 110 -11.18 6.64 -1.99
C GLU A 110 -12.21 6.93 -3.08
N LEU A 111 -11.73 7.43 -4.21
CA LEU A 111 -12.59 7.72 -5.34
C LEU A 111 -11.90 7.06 -6.54
N THR A 112 -12.62 6.21 -7.26
CA THR A 112 -12.04 5.50 -8.39
C THR A 112 -12.67 5.90 -9.72
N ASP A 113 -11.95 5.64 -10.82
CA ASP A 113 -12.45 5.98 -12.15
C ASP A 113 -13.00 4.77 -12.92
N ASP A 114 -13.21 4.96 -14.23
CA ASP A 114 -13.74 3.90 -15.09
C ASP A 114 -12.97 2.58 -15.02
N LYS A 115 -11.67 2.65 -14.73
CA LYS A 115 -10.83 1.45 -14.66
C LYS A 115 -10.50 1.06 -13.22
N ASN A 116 -11.21 1.66 -12.28
CA ASN A 116 -11.00 1.39 -10.85
C ASN A 116 -9.67 1.92 -10.33
N GLN A 117 -9.11 2.89 -11.03
CA GLN A 117 -7.86 3.52 -10.63
C GLN A 117 -8.29 4.61 -9.65
N ARG A 118 -7.49 4.85 -8.62
CA ARG A 118 -7.85 5.85 -7.60
C ARG A 118 -7.49 7.29 -7.91
N PHE A 119 -8.50 8.16 -7.93
CA PHE A 119 -8.28 9.59 -8.14
C PHE A 119 -7.64 10.03 -6.83
N PHE A 120 -8.18 9.51 -5.73
CA PHE A 120 -7.63 9.79 -4.41
C PHE A 120 -7.91 8.67 -3.43
N CYS A 121 -7.00 8.52 -2.47
CA CYS A 121 -7.13 7.53 -1.41
C CYS A 121 -6.43 8.14 -0.21
N TRP A 122 -7.18 8.37 0.86
CA TRP A 122 -6.59 8.93 2.05
C TRP A 122 -7.16 8.30 3.32
N GLN A 123 -6.41 8.43 4.40
CA GLN A 123 -6.82 7.90 5.68
C GLN A 123 -6.59 8.94 6.76
N ILE A 124 -7.50 9.00 7.71
CA ILE A 124 -7.36 9.92 8.83
C ILE A 124 -7.85 9.21 10.08
N PRO A 125 -7.20 9.45 11.21
CA PRO A 125 -7.62 8.82 12.45
C PRO A 125 -8.76 9.67 13.01
N ILE A 126 -9.75 9.04 13.60
CA ILE A 126 -10.85 9.80 14.19
C ILE A 126 -11.22 9.16 15.52
N GLU A 127 -11.93 9.91 16.35
CA GLU A 127 -12.36 9.43 17.64
C GLU A 127 -13.88 9.52 17.65
N VAL A 128 -14.56 8.39 17.77
CA VAL A 128 -16.01 8.40 17.80
C VAL A 128 -16.43 8.38 19.27
N GLU A 129 -17.37 9.24 19.64
CA GLU A 129 -17.84 9.29 21.02
C GLU A 129 -19.28 9.78 21.05
N ALA A 130 -19.88 9.75 22.23
CA ALA A 130 -21.25 10.21 22.38
C ALA A 130 -21.26 11.71 22.11
N GLU B 1 10.40 -18.67 -5.19
CA GLU B 1 9.89 -17.55 -6.04
C GLU B 1 8.53 -17.04 -5.57
N PRO B 2 8.25 -15.75 -5.78
CA PRO B 2 6.96 -15.20 -5.36
C PRO B 2 5.91 -15.77 -6.32
N VAL B 3 4.81 -16.27 -5.81
CA VAL B 3 3.77 -16.85 -6.66
C VAL B 3 2.43 -16.14 -6.57
N LYS B 4 1.63 -16.28 -7.63
CA LYS B 4 0.30 -15.70 -7.68
C LYS B 4 -0.56 -16.56 -6.75
N PHE B 5 -1.41 -15.94 -5.95
CA PHE B 5 -2.26 -16.68 -5.04
C PHE B 5 -3.64 -16.05 -4.92
N LYS B 6 -4.59 -16.84 -4.42
CA LYS B 6 -5.94 -16.37 -4.21
C LYS B 6 -6.14 -16.24 -2.72
N ASP B 7 -6.52 -15.04 -2.25
CA ASP B 7 -6.74 -14.85 -0.83
C ASP B 7 -8.06 -15.50 -0.46
N CYS B 8 -8.04 -16.41 0.51
CA CYS B 8 -9.24 -17.11 0.92
C CYS B 8 -9.82 -16.67 2.26
N GLY B 9 -9.57 -15.43 2.64
CA GLY B 9 -10.13 -14.96 3.90
C GLY B 9 -9.22 -14.33 4.94
N SER B 10 -8.08 -13.80 4.55
CA SER B 10 -7.20 -13.16 5.53
C SER B 10 -8.06 -12.08 6.19
N TRP B 11 -8.08 -12.08 7.52
CA TRP B 11 -8.93 -11.15 8.26
C TRP B 11 -8.16 -10.31 9.26
N VAL B 12 -7.38 -10.96 10.13
CA VAL B 12 -6.60 -10.22 11.12
C VAL B 12 -5.18 -10.01 10.61
N GLY B 13 -5.02 -10.11 9.30
CA GLY B 13 -3.72 -9.90 8.69
C GLY B 13 -3.83 -9.69 7.19
N VAL B 14 -2.76 -9.25 6.57
CA VAL B 14 -2.73 -9.01 5.13
C VAL B 14 -1.49 -9.68 4.55
N ILE B 15 -1.68 -10.45 3.49
CA ILE B 15 -0.58 -11.13 2.84
C ILE B 15 0.20 -10.20 1.96
N LYS B 16 1.51 -10.12 2.21
CA LYS B 16 2.38 -9.27 1.42
C LYS B 16 3.04 -10.09 0.31
N GLU B 17 3.30 -11.36 0.59
CA GLU B 17 3.92 -12.22 -0.42
C GLU B 17 3.86 -13.70 -0.04
N VAL B 18 3.72 -14.55 -1.06
CA VAL B 18 3.74 -15.99 -0.84
C VAL B 18 4.87 -16.49 -1.72
N ASN B 19 5.95 -16.96 -1.09
CA ASN B 19 7.11 -17.43 -1.82
C ASN B 19 7.28 -18.93 -1.69
N VAL B 20 7.15 -19.64 -2.81
CA VAL B 20 7.29 -21.10 -2.85
C VAL B 20 8.58 -21.42 -3.58
N SER B 21 9.44 -22.23 -2.97
CA SER B 21 10.72 -22.56 -3.59
C SER B 21 11.06 -24.04 -3.55
N PRO B 22 11.50 -24.61 -4.69
CA PRO B 22 11.68 -23.94 -5.98
C PRO B 22 10.37 -23.94 -6.76
N CYS B 23 10.09 -22.85 -7.47
CA CYS B 23 8.89 -22.75 -8.29
C CYS B 23 9.16 -21.77 -9.43
N PRO B 24 9.96 -22.18 -10.43
CA PRO B 24 10.30 -21.33 -11.57
C PRO B 24 9.11 -21.01 -12.46
N THR B 25 8.13 -21.92 -12.52
CA THR B 25 6.94 -21.72 -13.33
C THR B 25 5.70 -22.11 -12.54
N GLN B 26 4.58 -21.45 -12.83
CA GLN B 26 3.31 -21.74 -12.15
C GLN B 26 2.29 -22.29 -13.14
N PRO B 27 1.40 -23.20 -12.69
CA PRO B 27 1.28 -23.77 -11.35
C PRO B 27 2.56 -24.48 -10.94
N CYS B 28 2.96 -24.32 -9.68
CA CYS B 28 4.19 -24.95 -9.20
C CYS B 28 4.12 -26.46 -9.37
N LYS B 29 5.19 -27.03 -9.92
CA LYS B 29 5.25 -28.47 -10.11
C LYS B 29 6.02 -29.04 -8.92
N LEU B 30 5.38 -29.96 -8.21
CA LEU B 30 6.00 -30.57 -7.03
C LEU B 30 6.44 -32.00 -7.39
N HIS B 31 7.74 -32.18 -7.56
CA HIS B 31 8.29 -33.48 -7.94
C HIS B 31 8.49 -34.45 -6.79
N ARG B 32 8.06 -35.69 -6.99
CA ARG B 32 8.24 -36.72 -5.97
C ARG B 32 9.71 -36.81 -5.57
N GLY B 33 9.97 -36.97 -4.28
CA GLY B 33 11.33 -37.09 -3.80
C GLY B 33 11.98 -35.76 -3.47
N GLN B 34 11.30 -34.66 -3.80
CA GLN B 34 11.83 -33.33 -3.51
C GLN B 34 10.99 -32.64 -2.43
N SER B 35 11.54 -31.60 -1.83
CA SER B 35 10.83 -30.85 -0.81
C SER B 35 10.64 -29.43 -1.27
N TYR B 36 9.59 -28.78 -0.78
CA TYR B 36 9.28 -27.42 -1.20
C TYR B 36 9.04 -26.55 0.02
N SER B 37 9.66 -25.38 0.03
CA SER B 37 9.51 -24.47 1.15
C SER B 37 8.54 -23.36 0.84
N VAL B 38 7.95 -22.80 1.89
CA VAL B 38 7.02 -21.70 1.73
C VAL B 38 7.44 -20.61 2.71
N ASN B 39 7.43 -19.37 2.24
CA ASN B 39 7.80 -18.23 3.06
C ASN B 39 6.66 -17.25 2.87
N VAL B 40 5.80 -17.13 3.87
CA VAL B 40 4.66 -16.23 3.78
C VAL B 40 4.90 -14.97 4.60
N THR B 41 4.96 -13.84 3.90
CA THR B 41 5.17 -12.55 4.56
C THR B 41 3.81 -11.90 4.72
N PHE B 42 3.46 -11.56 5.96
CA PHE B 42 2.17 -10.96 6.23
C PHE B 42 2.29 -9.93 7.34
N THR B 43 1.39 -8.95 7.33
CA THR B 43 1.36 -7.92 8.34
C THR B 43 0.13 -8.19 9.19
N SER B 44 0.32 -8.22 10.49
CA SER B 44 -0.78 -8.48 11.41
C SER B 44 -1.49 -7.20 11.80
N ASN B 45 -2.81 -7.26 11.92
CA ASN B 45 -3.57 -6.09 12.34
C ASN B 45 -4.12 -6.33 13.74
N THR B 46 -3.57 -7.33 14.43
CA THR B 46 -3.98 -7.66 15.77
C THR B 46 -2.83 -8.23 16.61
N GLN B 47 -3.02 -8.27 17.93
CA GLN B 47 -2.01 -8.83 18.80
C GLN B 47 -2.54 -10.23 19.08
N SER B 48 -1.64 -11.18 19.27
CA SER B 48 -2.04 -12.55 19.53
C SER B 48 -0.92 -13.28 20.25
N GLN B 49 -1.28 -14.12 21.22
CA GLN B 49 -0.28 -14.86 21.99
C GLN B 49 0.13 -16.13 21.27
N SER B 50 -0.73 -16.60 20.37
CA SER B 50 -0.46 -17.83 19.64
C SER B 50 -0.83 -17.72 18.17
N SER B 51 -0.43 -18.73 17.41
CA SER B 51 -0.73 -18.80 15.99
C SER B 51 -0.65 -20.27 15.61
N LYS B 52 -1.57 -20.72 14.76
CA LYS B 52 -1.62 -22.11 14.33
C LYS B 52 -1.75 -22.21 12.81
N ALA B 53 -0.98 -23.11 12.22
CA ALA B 53 -1.01 -23.31 10.78
C ALA B 53 -1.86 -24.53 10.46
N VAL B 54 -2.64 -24.43 9.39
CA VAL B 54 -3.51 -25.50 8.96
C VAL B 54 -3.41 -25.58 7.46
N VAL B 55 -3.17 -26.78 6.95
CA VAL B 55 -3.03 -26.98 5.52
C VAL B 55 -4.07 -27.94 4.97
N HIS B 56 -4.63 -27.61 3.81
CA HIS B 56 -5.63 -28.44 3.17
C HIS B 56 -5.26 -28.62 1.71
N GLY B 57 -5.55 -29.80 1.18
CA GLY B 57 -5.29 -30.08 -0.22
C GLY B 57 -6.63 -30.39 -0.85
N ILE B 58 -7.04 -29.58 -1.82
CA ILE B 58 -8.32 -29.79 -2.47
C ILE B 58 -8.15 -30.81 -3.58
N VAL B 59 -8.55 -32.04 -3.31
CA VAL B 59 -8.44 -33.13 -4.27
C VAL B 59 -9.81 -33.47 -4.86
N MET B 60 -9.95 -33.25 -6.16
CA MET B 60 -11.21 -33.51 -6.85
C MET B 60 -12.36 -32.77 -6.19
N GLY B 61 -12.13 -31.51 -5.87
CA GLY B 61 -13.15 -30.69 -5.26
C GLY B 61 -13.40 -30.90 -3.78
N ILE B 62 -12.68 -31.84 -3.18
CA ILE B 62 -12.84 -32.13 -1.75
C ILE B 62 -11.64 -31.67 -0.93
N PRO B 63 -11.88 -30.81 0.08
CA PRO B 63 -10.78 -30.32 0.92
C PRO B 63 -10.26 -31.42 1.84
N VAL B 64 -9.00 -31.82 1.67
CA VAL B 64 -8.40 -32.86 2.50
C VAL B 64 -7.38 -32.28 3.47
N PRO B 65 -7.61 -32.47 4.79
CA PRO B 65 -6.68 -31.95 5.79
C PRO B 65 -5.32 -32.61 5.60
N PHE B 66 -4.27 -31.80 5.65
CA PHE B 66 -2.92 -32.32 5.50
C PHE B 66 -2.11 -32.00 6.74
N PRO B 67 -1.92 -32.99 7.62
CA PRO B 67 -1.15 -32.77 8.85
C PRO B 67 0.30 -32.40 8.53
N ILE B 68 0.85 -31.48 9.31
CA ILE B 68 2.24 -31.07 9.12
C ILE B 68 3.00 -31.31 10.41
N PRO B 69 4.30 -31.61 10.31
CA PRO B 69 5.16 -31.87 11.47
C PRO B 69 5.06 -30.82 12.55
N GLU B 70 5.09 -29.55 12.16
CA GLU B 70 5.02 -28.44 13.09
C GLU B 70 3.92 -27.46 12.68
N SER B 71 2.88 -27.37 13.51
CA SER B 71 1.75 -26.48 13.21
C SER B 71 1.72 -25.22 14.05
N ASP B 72 2.66 -25.09 14.98
CA ASP B 72 2.73 -23.92 15.84
C ASP B 72 3.47 -22.81 15.10
N GLY B 73 2.74 -21.76 14.72
CA GLY B 73 3.34 -20.66 13.98
C GLY B 73 4.42 -19.95 14.78
N CYS B 74 4.29 -19.97 16.09
CA CYS B 74 5.25 -19.32 16.96
C CYS B 74 6.53 -20.12 17.06
N LYS B 75 6.58 -21.23 16.32
CA LYS B 75 7.75 -22.09 16.27
C LYS B 75 8.17 -22.19 14.80
N SER B 76 7.47 -21.44 13.95
CA SER B 76 7.74 -21.46 12.51
C SER B 76 8.30 -20.17 11.94
N GLY B 77 9.07 -19.43 12.73
CA GLY B 77 9.65 -18.20 12.22
C GLY B 77 9.05 -16.91 12.75
N ILE B 78 7.88 -17.02 13.39
CA ILE B 78 7.21 -15.85 13.93
C ILE B 78 7.64 -15.63 15.39
N ARG B 79 8.03 -14.40 15.72
CA ARG B 79 8.41 -14.10 17.09
C ARG B 79 7.14 -13.72 17.82
N CYS B 80 6.69 -14.57 18.71
CA CYS B 80 5.48 -14.26 19.45
C CYS B 80 5.88 -13.73 20.83
N PRO B 81 4.99 -12.96 21.47
CA PRO B 81 3.66 -12.54 21.03
C PRO B 81 3.62 -11.77 19.73
N ILE B 82 2.59 -12.05 18.92
CA ILE B 82 2.40 -11.35 17.65
C ILE B 82 1.80 -9.99 18.01
N GLU B 83 2.33 -8.92 17.43
CA GLU B 83 1.86 -7.58 17.71
C GLU B 83 1.21 -6.93 16.49
N LYS B 84 0.30 -6.00 16.75
CA LYS B 84 -0.41 -5.30 15.69
C LYS B 84 0.50 -4.41 14.84
N ASP B 85 0.24 -4.41 13.54
CA ASP B 85 0.98 -3.61 12.57
C ASP B 85 2.42 -4.05 12.30
N LYS B 86 2.81 -5.20 12.84
CA LYS B 86 4.17 -5.72 12.60
C LYS B 86 4.11 -6.72 11.45
N THR B 87 5.22 -6.85 10.73
CA THR B 87 5.30 -7.76 9.60
C THR B 87 6.07 -9.01 10.02
N TYR B 88 5.53 -10.16 9.62
CA TYR B 88 6.10 -11.45 9.98
C TYR B 88 6.36 -12.34 8.78
N ASN B 89 7.18 -13.36 9.02
CA ASN B 89 7.51 -14.34 8.00
C ASN B 89 7.25 -15.73 8.56
N TYR B 90 6.29 -16.41 7.97
CA TYR B 90 5.95 -17.76 8.36
C TYR B 90 6.64 -18.66 7.35
N VAL B 91 7.39 -19.63 7.82
CA VAL B 91 8.09 -20.53 6.90
C VAL B 91 7.89 -21.99 7.26
N ASN B 92 7.91 -22.84 6.24
CA ASN B 92 7.78 -24.26 6.44
C ASN B 92 8.31 -24.94 5.19
N LYS B 93 8.51 -26.25 5.26
CA LYS B 93 9.00 -27.03 4.13
C LYS B 93 8.39 -28.41 4.22
N LEU B 94 7.80 -28.87 3.12
CA LEU B 94 7.18 -30.18 3.10
C LEU B 94 7.70 -31.03 1.95
N PRO B 95 7.84 -32.34 2.18
CA PRO B 95 8.33 -33.26 1.14
C PRO B 95 7.22 -33.85 0.30
N VAL B 96 7.55 -34.15 -0.96
CA VAL B 96 6.59 -34.77 -1.87
C VAL B 96 6.92 -36.25 -1.84
N LYS B 97 6.11 -37.02 -1.13
CA LYS B 97 6.33 -38.46 -1.01
C LYS B 97 6.18 -39.15 -2.35
N ASN B 98 6.99 -40.18 -2.57
CA ASN B 98 6.95 -40.95 -3.81
C ASN B 98 5.57 -41.54 -4.06
N GLU B 99 4.89 -41.90 -2.97
CA GLU B 99 3.58 -42.51 -3.05
C GLU B 99 2.47 -41.57 -3.51
N TYR B 100 2.71 -40.26 -3.49
CA TYR B 100 1.66 -39.33 -3.89
C TYR B 100 1.31 -39.42 -5.37
N PRO B 101 0.02 -39.33 -5.70
CA PRO B 101 -0.41 -39.39 -7.11
C PRO B 101 -0.01 -38.12 -7.84
N SER B 102 0.34 -38.26 -9.13
CA SER B 102 0.75 -37.11 -9.93
C SER B 102 -0.46 -36.37 -10.48
N ILE B 103 -1.22 -35.74 -9.58
CA ILE B 103 -2.42 -35.02 -9.95
C ILE B 103 -2.35 -33.54 -9.60
N LYS B 104 -3.35 -32.80 -10.06
CA LYS B 104 -3.44 -31.38 -9.77
C LYS B 104 -4.16 -31.24 -8.45
N VAL B 105 -3.74 -30.27 -7.66
CA VAL B 105 -4.31 -30.04 -6.34
C VAL B 105 -4.29 -28.55 -6.04
N VAL B 106 -5.30 -28.07 -5.32
CA VAL B 106 -5.31 -26.67 -4.92
C VAL B 106 -4.91 -26.74 -3.46
N VAL B 107 -3.79 -26.08 -3.14
CA VAL B 107 -3.29 -26.09 -1.78
C VAL B 107 -3.79 -24.87 -1.04
N GLU B 108 -4.35 -25.10 0.14
CA GLU B 108 -4.83 -24.00 0.97
C GLU B 108 -3.99 -23.95 2.23
N TRP B 109 -3.48 -22.77 2.57
CA TRP B 109 -2.66 -22.63 3.77
C TRP B 109 -3.23 -21.49 4.61
N GLU B 110 -3.45 -21.77 5.89
CA GLU B 110 -4.01 -20.80 6.81
C GLU B 110 -3.16 -20.66 8.07
N LEU B 111 -3.28 -19.50 8.72
CA LEU B 111 -2.59 -19.22 9.96
C LEU B 111 -3.62 -18.46 10.79
N THR B 112 -4.05 -19.04 11.90
CA THR B 112 -5.05 -18.41 12.75
C THR B 112 -4.48 -17.86 14.05
N ASP B 113 -5.24 -16.96 14.69
CA ASP B 113 -4.80 -16.35 15.95
C ASP B 113 -5.53 -16.92 17.16
N ASP B 114 -5.45 -16.19 18.28
CA ASP B 114 -6.09 -16.61 19.53
C ASP B 114 -7.59 -16.85 19.41
N LYS B 115 -8.26 -16.07 18.57
CA LYS B 115 -9.69 -16.20 18.39
C LYS B 115 -10.02 -17.02 17.15
N ASN B 116 -9.04 -17.79 16.70
CA ASN B 116 -9.16 -18.66 15.54
C ASN B 116 -9.48 -17.90 14.25
N GLN B 117 -9.07 -16.64 14.20
CA GLN B 117 -9.28 -15.83 13.01
C GLN B 117 -8.04 -15.93 12.14
N ARG B 118 -8.20 -15.74 10.84
CA ARG B 118 -7.09 -15.87 9.90
C ARG B 118 -6.14 -14.69 9.73
N PHE B 119 -4.86 -14.92 10.04
CA PHE B 119 -3.83 -13.91 9.84
C PHE B 119 -3.71 -13.88 8.32
N PHE B 120 -3.77 -15.08 7.74
CA PHE B 120 -3.72 -15.23 6.30
C PHE B 120 -4.34 -16.54 5.85
N CYS B 121 -4.89 -16.54 4.65
CA CYS B 121 -5.50 -17.71 4.05
C CYS B 121 -5.29 -17.56 2.55
N TRP B 122 -4.55 -18.47 1.95
CA TRP B 122 -4.33 -18.38 0.52
C TRP B 122 -4.42 -19.74 -0.12
N GLN B 123 -4.67 -19.75 -1.43
CA GLN B 123 -4.75 -21.00 -2.16
C GLN B 123 -3.99 -20.82 -3.45
N ILE B 124 -3.26 -21.86 -3.85
CA ILE B 124 -2.53 -21.84 -5.10
C ILE B 124 -2.70 -23.20 -5.73
N PRO B 125 -2.68 -23.26 -7.07
CA PRO B 125 -2.83 -24.54 -7.74
C PRO B 125 -1.43 -25.16 -7.89
N ILE B 126 -1.32 -26.46 -7.69
CA ILE B 126 -0.03 -27.14 -7.87
C ILE B 126 -0.31 -28.42 -8.62
N GLU B 127 0.75 -29.04 -9.14
CA GLU B 127 0.59 -30.30 -9.83
C GLU B 127 1.72 -31.19 -9.40
N VAL B 128 1.39 -32.35 -8.84
CA VAL B 128 2.41 -33.29 -8.42
C VAL B 128 2.89 -34.03 -9.67
N GLU B 129 4.21 -34.22 -9.78
CA GLU B 129 4.79 -34.89 -10.94
C GLU B 129 5.86 -35.91 -10.51
N ALA B 130 6.15 -36.86 -11.39
CA ALA B 130 7.19 -37.85 -11.10
C ALA B 130 8.51 -37.14 -10.90
N GLU C 1 10.43 16.13 -17.76
CA GLU C 1 11.71 16.13 -18.51
C GLU C 1 12.82 15.52 -17.69
N PRO C 2 13.80 14.90 -18.36
CA PRO C 2 14.92 14.30 -17.62
C PRO C 2 15.67 15.48 -17.03
N VAL C 3 16.15 15.36 -15.79
CA VAL C 3 16.90 16.46 -15.19
C VAL C 3 18.27 15.99 -14.72
N LYS C 4 19.19 16.94 -14.57
CA LYS C 4 20.53 16.62 -14.10
C LYS C 4 20.41 16.41 -12.59
N PHE C 5 21.09 15.39 -12.08
CA PHE C 5 21.02 15.13 -10.65
C PHE C 5 22.34 14.63 -10.13
N LYS C 6 22.47 14.65 -8.81
CA LYS C 6 23.66 14.14 -8.17
C LYS C 6 23.22 12.91 -7.41
N ASP C 7 23.98 11.82 -7.55
CA ASP C 7 23.63 10.61 -6.81
C ASP C 7 24.17 10.81 -5.40
N CYS C 8 23.28 10.81 -4.42
CA CYS C 8 23.68 11.02 -3.04
C CYS C 8 23.87 9.75 -2.22
N GLY C 9 23.98 8.61 -2.88
CA GLY C 9 24.20 7.38 -2.12
C GLY C 9 23.34 6.19 -2.48
N SER C 10 23.31 5.84 -3.76
CA SER C 10 22.57 4.67 -4.21
C SER C 10 23.45 3.47 -3.87
N TRP C 11 22.94 2.57 -3.02
CA TRP C 11 23.70 1.41 -2.56
C TRP C 11 23.32 0.08 -3.20
N VAL C 12 22.05 -0.27 -3.17
CA VAL C 12 21.59 -1.53 -3.75
C VAL C 12 20.85 -1.33 -5.06
N GLY C 13 21.16 -0.22 -5.74
CA GLY C 13 20.51 0.06 -7.01
C GLY C 13 21.30 1.08 -7.81
N VAL C 14 20.85 1.31 -9.04
CA VAL C 14 21.50 2.27 -9.91
C VAL C 14 20.43 3.13 -10.57
N ILE C 15 20.59 4.45 -10.50
CA ILE C 15 19.63 5.37 -11.10
C ILE C 15 19.89 5.49 -12.59
N LYS C 16 18.85 5.30 -13.40
CA LYS C 16 18.99 5.40 -14.85
C LYS C 16 18.52 6.77 -15.32
N GLU C 17 17.49 7.30 -14.65
CA GLU C 17 16.96 8.61 -15.03
C GLU C 17 16.01 9.17 -13.98
N VAL C 18 16.05 10.50 -13.83
CA VAL C 18 15.17 11.20 -12.93
C VAL C 18 14.40 12.19 -13.81
N ASN C 19 13.09 11.98 -13.92
CA ASN C 19 12.24 12.84 -14.74
C ASN C 19 11.28 13.63 -13.87
N VAL C 20 11.40 14.95 -13.90
CA VAL C 20 10.52 15.82 -13.11
C VAL C 20 9.65 16.55 -14.11
N SER C 21 8.33 16.53 -13.91
CA SER C 21 7.42 17.18 -14.83
C SER C 21 6.36 18.03 -14.17
N PRO C 22 6.18 19.27 -14.67
CA PRO C 22 6.93 19.82 -15.79
C PRO C 22 8.17 20.57 -15.29
N CYS C 23 9.29 20.42 -16.00
CA CYS C 23 10.53 21.09 -15.63
C CYS C 23 11.30 21.38 -16.93
N PRO C 24 10.86 22.39 -17.69
CA PRO C 24 11.51 22.74 -18.96
C PRO C 24 12.92 23.32 -18.75
N THR C 25 13.11 24.01 -17.63
CA THR C 25 14.41 24.59 -17.30
C THR C 25 14.82 24.23 -15.89
N GLN C 26 16.12 24.16 -15.66
CA GLN C 26 16.67 23.82 -14.36
C GLN C 26 17.53 24.96 -13.81
N PRO C 27 17.56 25.14 -12.47
CA PRO C 27 16.84 24.37 -11.46
C PRO C 27 15.33 24.45 -11.67
N CYS C 28 14.64 23.34 -11.44
CA CYS C 28 13.20 23.30 -11.63
C CYS C 28 12.48 24.34 -10.78
N LYS C 29 11.61 25.10 -11.42
CA LYS C 29 10.83 26.13 -10.75
C LYS C 29 9.50 25.51 -10.34
N LEU C 30 9.23 25.50 -9.04
CA LEU C 30 7.98 24.91 -8.53
C LEU C 30 7.00 26.01 -8.12
N HIS C 31 6.01 26.23 -8.97
CA HIS C 31 5.01 27.27 -8.72
C HIS C 31 3.93 26.85 -7.74
N ARG C 32 3.68 27.70 -6.74
CA ARG C 32 2.66 27.42 -5.75
C ARG C 32 1.33 27.28 -6.47
N GLY C 33 0.53 26.29 -6.05
CA GLY C 33 -0.76 26.07 -6.67
C GLY C 33 -0.75 24.97 -7.71
N GLN C 34 0.45 24.62 -8.18
CA GLN C 34 0.62 23.57 -9.20
C GLN C 34 1.20 22.31 -8.59
N SER C 35 1.09 21.20 -9.33
CA SER C 35 1.62 19.92 -8.88
C SER C 35 2.73 19.46 -9.81
N TYR C 36 3.65 18.67 -9.27
CA TYR C 36 4.79 18.18 -10.04
C TYR C 36 4.99 16.70 -9.79
N SER C 37 5.33 15.97 -10.84
CA SER C 37 5.55 14.54 -10.70
C SER C 37 7.02 14.19 -10.88
N VAL C 38 7.41 13.08 -10.28
CA VAL C 38 8.78 12.60 -10.42
C VAL C 38 8.62 11.16 -10.88
N ASN C 39 9.47 10.76 -11.81
CA ASN C 39 9.46 9.41 -12.36
C ASN C 39 10.91 9.00 -12.34
N VAL C 40 11.26 8.08 -11.44
CA VAL C 40 12.63 7.63 -11.30
C VAL C 40 12.85 6.24 -11.88
N THR C 41 13.69 6.15 -12.90
CA THR C 41 13.99 4.86 -13.50
C THR C 41 15.26 4.34 -12.85
N PHE C 42 15.16 3.17 -12.24
CA PHE C 42 16.32 2.60 -11.57
C PHE C 42 16.36 1.08 -11.71
N THR C 43 17.56 0.52 -11.61
CA THR C 43 17.72 -0.92 -11.68
C THR C 43 18.05 -1.42 -10.28
N SER C 44 17.44 -2.52 -9.88
CA SER C 44 17.71 -3.08 -8.56
C SER C 44 18.84 -4.10 -8.65
N ASN C 45 19.78 -4.03 -7.72
CA ASN C 45 20.88 -4.99 -7.70
C ASN C 45 20.75 -5.94 -6.53
N THR C 46 19.56 -6.02 -5.99
CA THR C 46 19.25 -6.89 -4.86
C THR C 46 17.77 -7.19 -4.93
N GLN C 47 17.34 -8.22 -4.22
CA GLN C 47 15.93 -8.57 -4.19
C GLN C 47 15.42 -7.98 -2.91
N SER C 48 14.14 -7.66 -2.85
CA SER C 48 13.55 -7.04 -1.68
C SER C 48 12.03 -7.15 -1.75
N GLN C 49 11.39 -7.35 -0.60
CA GLN C 49 9.93 -7.48 -0.54
C GLN C 49 9.14 -6.18 -0.41
N SER C 50 9.73 -5.18 0.22
CA SER C 50 9.03 -3.90 0.37
C SER C 50 9.98 -2.78 -0.03
N SER C 51 9.46 -1.57 -0.08
CA SER C 51 10.29 -0.42 -0.42
C SER C 51 9.63 0.81 0.20
N LYS C 52 10.43 1.77 0.66
CA LYS C 52 9.89 2.97 1.27
C LYS C 52 10.62 4.20 0.75
N ALA C 53 9.87 5.23 0.43
CA ALA C 53 10.45 6.48 -0.07
C ALA C 53 10.64 7.46 1.08
N VAL C 54 11.75 8.17 1.04
CA VAL C 54 12.10 9.14 2.07
C VAL C 54 12.60 10.39 1.36
N VAL C 55 12.11 11.54 1.81
CA VAL C 55 12.49 12.81 1.21
C VAL C 55 12.91 13.86 2.22
N HIS C 56 13.92 14.64 1.85
CA HIS C 56 14.41 15.73 2.68
C HIS C 56 14.55 16.95 1.79
N GLY C 57 14.37 18.12 2.38
CA GLY C 57 14.53 19.36 1.65
C GLY C 57 15.61 20.13 2.38
N ILE C 58 16.74 20.40 1.72
CA ILE C 58 17.80 21.15 2.37
C ILE C 58 17.48 22.64 2.19
N VAL C 59 17.13 23.28 3.28
CA VAL C 59 16.75 24.70 3.32
C VAL C 59 17.78 25.53 4.08
N MET C 60 18.37 26.51 3.41
CA MET C 60 19.38 27.36 4.02
C MET C 60 20.49 26.46 4.58
N GLY C 61 20.71 25.33 3.93
CA GLY C 61 21.73 24.38 4.33
C GLY C 61 21.29 23.42 5.42
N ILE C 62 20.04 23.52 5.85
CA ILE C 62 19.50 22.66 6.89
C ILE C 62 18.68 21.53 6.30
N PRO C 63 19.06 20.28 6.58
CA PRO C 63 18.26 19.19 6.01
C PRO C 63 16.95 19.07 6.79
N VAL C 64 15.83 19.14 6.09
CA VAL C 64 14.53 19.06 6.73
C VAL C 64 13.76 17.85 6.21
N PRO C 65 13.36 16.94 7.12
CA PRO C 65 12.61 15.76 6.68
C PRO C 65 11.28 16.22 6.11
N PHE C 66 10.88 15.64 4.98
CA PHE C 66 9.63 16.03 4.33
C PHE C 66 8.72 14.83 4.14
N PRO C 67 7.67 14.72 4.96
CA PRO C 67 6.75 13.59 4.84
C PRO C 67 5.96 13.72 3.53
N ILE C 68 5.95 12.67 2.72
CA ILE C 68 5.21 12.72 1.47
C ILE C 68 3.92 11.92 1.64
N PRO C 69 2.88 12.26 0.87
CA PRO C 69 1.58 11.58 0.92
C PRO C 69 1.67 10.07 1.14
N GLU C 70 2.16 9.38 0.12
CA GLU C 70 2.32 7.94 0.14
C GLU C 70 3.82 7.64 0.10
N SER C 71 4.31 6.94 1.12
CA SER C 71 5.73 6.60 1.19
C SER C 71 5.99 5.15 0.79
N ASP C 72 4.93 4.40 0.50
CA ASP C 72 5.09 3.00 0.10
C ASP C 72 5.48 2.91 -1.37
N GLY C 73 6.70 2.45 -1.62
CA GLY C 73 7.19 2.33 -2.99
C GLY C 73 6.43 1.32 -3.83
N CYS C 74 5.97 0.25 -3.21
CA CYS C 74 5.22 -0.79 -3.94
C CYS C 74 3.84 -0.31 -4.34
N LYS C 75 3.49 0.90 -3.91
CA LYS C 75 2.21 1.51 -4.24
C LYS C 75 2.49 2.78 -5.02
N SER C 76 3.73 2.91 -5.47
CA SER C 76 4.16 4.08 -6.23
C SER C 76 4.68 3.68 -7.60
N GLY C 77 4.03 2.71 -8.23
CA GLY C 77 4.46 2.29 -9.56
C GLY C 77 5.45 1.14 -9.61
N ILE C 78 5.84 0.62 -8.45
CA ILE C 78 6.78 -0.50 -8.41
C ILE C 78 6.05 -1.81 -8.11
N ARG C 79 6.24 -2.81 -8.95
CA ARG C 79 5.59 -4.09 -8.73
C ARG C 79 6.53 -4.97 -7.91
N CYS C 80 6.28 -5.02 -6.61
CA CYS C 80 7.08 -5.82 -5.71
C CYS C 80 6.60 -7.27 -5.69
N PRO C 81 7.46 -8.21 -5.29
CA PRO C 81 8.84 -8.02 -4.84
C PRO C 81 9.79 -7.49 -5.91
N ILE C 82 10.77 -6.70 -5.49
CA ILE C 82 11.77 -6.15 -6.38
C ILE C 82 12.82 -7.25 -6.59
N GLU C 83 13.25 -7.44 -7.83
CA GLU C 83 14.23 -8.47 -8.12
C GLU C 83 15.55 -7.91 -8.60
N LYS C 84 16.60 -8.71 -8.45
CA LYS C 84 17.93 -8.31 -8.88
C LYS C 84 17.98 -8.16 -10.40
N ASP C 85 18.67 -7.13 -10.86
CA ASP C 85 18.83 -6.85 -12.28
C ASP C 85 17.58 -6.37 -13.03
N LYS C 86 16.47 -6.19 -12.33
CA LYS C 86 15.25 -5.72 -12.98
C LYS C 86 15.14 -4.20 -12.90
N THR C 87 14.58 -3.58 -13.93
CA THR C 87 14.42 -2.14 -13.96
C THR C 87 13.03 -1.72 -13.51
N TYR C 88 12.98 -0.67 -12.69
CA TYR C 88 11.72 -0.18 -12.16
C TYR C 88 11.55 1.32 -12.33
N ASN C 89 10.32 1.78 -12.15
CA ASN C 89 9.99 3.18 -12.26
C ASN C 89 9.17 3.62 -11.05
N TYR C 90 9.80 4.42 -10.20
CA TYR C 90 9.15 4.95 -9.02
C TYR C 90 8.53 6.26 -9.43
N VAL C 91 7.24 6.42 -9.12
CA VAL C 91 6.51 7.62 -9.48
C VAL C 91 5.70 8.20 -8.32
N ASN C 92 5.66 9.53 -8.25
CA ASN C 92 4.87 10.21 -7.25
C ASN C 92 4.60 11.61 -7.79
N LYS C 93 3.55 12.24 -7.27
CA LYS C 93 3.18 13.57 -7.70
C LYS C 93 2.78 14.37 -6.46
N LEU C 94 3.40 15.53 -6.29
CA LEU C 94 3.10 16.36 -5.13
C LEU C 94 2.64 17.76 -5.48
N PRO C 95 1.78 18.33 -4.64
CA PRO C 95 1.29 19.69 -4.88
C PRO C 95 2.21 20.69 -4.20
N VAL C 96 2.32 21.89 -4.78
CA VAL C 96 3.13 22.92 -4.18
C VAL C 96 2.12 23.80 -3.46
N LYS C 97 2.12 23.71 -2.14
CA LYS C 97 1.19 24.46 -1.31
C LYS C 97 1.41 25.96 -1.37
N ASN C 98 0.32 26.70 -1.34
CA ASN C 98 0.41 28.14 -1.39
C ASN C 98 1.00 28.71 -0.11
N GLU C 99 0.97 27.91 0.95
CA GLU C 99 1.52 28.33 2.24
C GLU C 99 3.05 28.29 2.21
N TYR C 100 3.61 27.54 1.27
CA TYR C 100 5.07 27.43 1.17
C TYR C 100 5.70 28.77 0.81
N PRO C 101 6.84 29.10 1.45
CA PRO C 101 7.53 30.36 1.18
C PRO C 101 8.39 30.26 -0.08
N SER C 102 8.69 31.40 -0.68
CA SER C 102 9.54 31.43 -1.87
C SER C 102 10.95 31.19 -1.37
N ILE C 103 11.58 30.11 -1.83
CA ILE C 103 12.92 29.79 -1.38
C ILE C 103 13.57 28.68 -2.21
N LYS C 104 14.90 28.65 -2.22
CA LYS C 104 15.64 27.64 -2.94
C LYS C 104 15.83 26.45 -2.02
N VAL C 105 15.64 25.24 -2.55
CA VAL C 105 15.77 24.03 -1.75
C VAL C 105 16.49 22.93 -2.54
N VAL C 106 17.35 22.18 -1.87
CA VAL C 106 18.01 21.05 -2.52
C VAL C 106 17.16 19.85 -2.09
N VAL C 107 16.49 19.21 -3.04
CA VAL C 107 15.64 18.09 -2.72
C VAL C 107 16.40 16.78 -2.84
N GLU C 108 16.28 15.97 -1.80
CA GLU C 108 16.95 14.69 -1.72
C GLU C 108 15.86 13.63 -1.63
N TRP C 109 15.80 12.75 -2.63
CA TRP C 109 14.77 11.71 -2.67
C TRP C 109 15.42 10.34 -2.63
N GLU C 110 14.95 9.48 -1.73
CA GLU C 110 15.54 8.15 -1.61
C GLU C 110 14.47 7.06 -1.54
N LEU C 111 14.89 5.84 -1.81
CA LEU C 111 14.00 4.69 -1.75
C LEU C 111 14.83 3.58 -1.12
N THR C 112 14.34 3.02 -0.03
CA THR C 112 15.08 1.97 0.67
C THR C 112 14.43 0.59 0.54
N ASP C 113 15.21 -0.45 0.81
CA ASP C 113 14.74 -1.83 0.73
C ASP C 113 14.37 -2.39 2.10
N ASP C 114 14.22 -3.71 2.17
CA ASP C 114 13.85 -4.37 3.43
C ASP C 114 14.85 -4.12 4.54
N LYS C 115 16.12 -4.08 4.18
CA LYS C 115 17.17 -3.88 5.16
C LYS C 115 17.56 -2.42 5.38
N ASN C 116 16.64 -1.52 5.02
CA ASN C 116 16.85 -0.07 5.19
C ASN C 116 18.00 0.46 4.33
N GLN C 117 18.40 -0.31 3.32
CA GLN C 117 19.48 0.14 2.43
C GLN C 117 18.85 0.84 1.22
N ARG C 118 19.50 1.89 0.73
CA ARG C 118 18.96 2.65 -0.40
C ARG C 118 19.15 2.09 -1.80
N PHE C 119 18.04 1.98 -2.52
CA PHE C 119 18.07 1.54 -3.92
C PHE C 119 18.65 2.73 -4.66
N PHE C 120 18.18 3.91 -4.29
CA PHE C 120 18.66 5.14 -4.91
C PHE C 120 18.52 6.34 -4.00
N CYS C 121 19.32 7.37 -4.31
CA CYS C 121 19.32 8.65 -3.63
C CYS C 121 19.82 9.65 -4.66
N TRP C 122 18.99 10.64 -4.95
CA TRP C 122 19.39 11.68 -5.90
C TRP C 122 19.01 13.01 -5.33
N GLN C 123 19.70 14.05 -5.75
CA GLN C 123 19.39 15.38 -5.29
C GLN C 123 19.42 16.34 -6.45
N ILE C 124 18.50 17.29 -6.44
CA ILE C 124 18.43 18.30 -7.47
C ILE C 124 18.05 19.60 -6.79
N PRO C 125 18.48 20.73 -7.36
CA PRO C 125 18.15 22.02 -6.76
C PRO C 125 16.81 22.47 -7.35
N ILE C 126 15.97 23.06 -6.52
CA ILE C 126 14.70 23.57 -7.02
C ILE C 126 14.44 24.92 -6.37
N GLU C 127 13.41 25.60 -6.87
CA GLU C 127 13.04 26.88 -6.32
C GLU C 127 11.52 26.93 -6.21
N VAL C 128 11.02 27.20 -5.01
CA VAL C 128 9.58 27.33 -4.79
C VAL C 128 9.28 28.80 -5.08
N GLU C 129 8.33 29.05 -5.97
CA GLU C 129 7.97 30.42 -6.32
C GLU C 129 6.47 30.59 -6.47
N ALA C 130 6.06 31.83 -6.69
CA ALA C 130 4.65 32.15 -6.92
C ALA C 130 4.27 31.53 -8.25
C1 NAG D . -14.81 22.85 -0.81
C2 NAG D . -15.88 23.95 -0.83
C3 NAG D . -15.54 25.04 -1.85
C4 NAG D . -14.09 25.53 -1.66
C5 NAG D . -13.14 24.34 -1.67
C6 NAG D . -11.70 24.73 -1.45
C7 NAG D . -18.12 23.32 -0.24
C8 NAG D . -17.69 23.20 1.21
N2 NAG D . -17.16 23.37 -1.15
O3 NAG D . -16.43 26.14 -1.69
O4 NAG D . -13.76 26.43 -2.71
O5 NAG D . -13.51 23.41 -0.62
O6 NAG D . -11.51 25.31 -0.16
O7 NAG D . -19.32 23.35 -0.53
C ACT E . -12.52 25.51 7.22
O ACT E . -13.48 25.34 8.00
OXT ACT E . -12.47 25.05 6.06
CH3 ACT E . -11.32 26.32 7.70
C ACT F . -26.36 5.58 5.01
O ACT F . -25.75 6.64 5.20
OXT ACT F . -27.04 4.98 5.88
CH3 ACT F . -26.27 4.95 3.62
C1 NAG G . 11.53 -15.18 4.12
C2 NAG G . 12.99 -15.41 4.52
C3 NAG G . 13.62 -14.11 5.02
C4 NAG G . 13.41 -12.98 4.02
C5 NAG G . 11.92 -12.86 3.71
C6 NAG G . 11.57 -11.76 2.72
C7 NAG G . 13.54 -17.63 5.31
C8 NAG G . 13.82 -18.53 6.49
N2 NAG G . 13.05 -16.42 5.56
O3 NAG G . 15.00 -14.31 5.23
O4 NAG G . 13.89 -11.75 4.55
O5 NAG G . 11.42 -14.10 3.17
O6 NAG G . 12.33 -11.88 1.53
O7 NAG G . 13.78 -18.02 4.17
C ACT H . 12.63 -29.18 -8.08
O ACT H . 13.22 -28.58 -9.00
OXT ACT H . 11.38 -29.35 -8.02
CH3 ACT H . 13.48 -29.76 -6.95
C ACT I . 9.63 -27.65 -12.90
O ACT I . 8.76 -26.75 -12.79
OXT ACT I . 9.39 -28.79 -13.35
CH3 ACT I . 11.04 -27.34 -12.41
C ACT J . 2.21 -36.01 6.32
O ACT J . 2.55 -37.16 5.94
OXT ACT J . 3.01 -35.14 6.71
CH3 ACT J . 0.72 -35.69 6.32
S SO4 K . 13.15 -16.17 -5.09
O1 SO4 K . 12.48 -15.11 -5.88
O2 SO4 K . 14.35 -15.62 -4.43
O3 SO4 K . 12.22 -16.68 -4.07
O4 SO4 K . 13.53 -17.27 -5.99
S SO4 L . 3.96 -37.20 -14.70
O1 SO4 L . 3.02 -37.90 -15.60
O2 SO4 L . 3.39 -35.88 -14.34
O3 SO4 L . 5.24 -37.02 -15.39
O4 SO4 L . 4.17 -38.00 -13.48
C65 C3S M . 2.92 -24.89 -1.81
C63 C3S M . 3.89 -26.07 -1.52
C69 C3S M . 5.06 -25.48 -0.69
C60 C3S M . 3.09 -27.16 -0.76
C57 C3S M . 3.87 -28.40 -0.25
C54 C3S M . 2.90 -29.47 0.27
C48 C3S M . 2.29 -30.42 -0.80
C50 C3S M . 3.38 -31.44 -1.22
C38 C3S M . 1.06 -31.16 -0.20
C35 C3S M . -0.08 -30.14 0.23
C29 C3S M . 0.22 -32.21 -1.02
C26 C3S M . 0.81 -33.64 -1.19
C40 C3S M . -0.13 -31.63 -2.46
C30 C3S M . -0.99 -32.37 -0.06
C32 C3S M . -1.42 -30.94 0.30
C18 C3S M . -2.09 -33.32 -0.68
C15 C3S M . -3.34 -33.46 0.29
C20 C3S M . -1.44 -34.75 -0.98
C23 C3S M . -0.18 -34.60 -1.92
C22 C3S M . -2.51 -35.76 -1.56
C44 C3S M . -2.82 -35.47 -3.08
C12 C3S M . -3.82 -35.73 -0.73
C9 C3S M . -4.76 -36.94 -0.84
C13 C3S M . -4.18 -34.71 0.07
C1 C3S M . -1.89 -37.20 -1.41
C4 C3S M . -2.88 -38.32 -1.84
C7 C3S M . -4.00 -38.30 -0.78
O6 C3S M . -5.01 -39.29 -1.00
S1 C3S M . -5.55 -40.11 0.16
O3 C3S M . -6.56 -41.04 -0.33
O2 C3S M . -6.07 -39.25 1.20
O4 C3S M . -4.39 -40.87 0.68
C1 GOL N . 9.34 -40.58 -0.41
O1 GOL N . 10.63 -40.36 0.17
C2 GOL N . 8.64 -41.75 0.27
O2 GOL N . 8.51 -41.47 1.67
C3 GOL N . 7.26 -41.95 -0.38
O3 GOL N . 6.58 -43.04 0.23
C1 NAG O . 7.90 6.79 -16.24
C2 NAG O . 6.50 6.59 -16.81
C3 NAG O . 6.47 5.37 -17.74
C4 NAG O . 7.54 5.49 -18.81
C5 NAG O . 8.91 5.76 -18.17
C6 NAG O . 9.98 6.03 -19.21
C7 NAG O . 4.35 6.93 -15.74
C8 NAG O . 3.23 6.00 -16.17
N2 NAG O . 5.58 6.42 -15.70
O3 NAG O . 5.19 5.27 -18.34
O4 NAG O . 7.61 4.28 -19.55
O5 NAG O . 8.84 6.93 -17.31
O6 NAG O . 11.19 6.46 -18.61
O7 NAG O . 4.11 8.10 -15.44
C ACT P . 8.27 14.79 -19.80
O ACT P . 9.25 14.24 -20.36
OXT ACT P . 8.07 16.02 -19.75
CH3 ACT P . 7.24 13.88 -19.13
S SO4 Q . 28.08 18.02 -2.59
O1 SO4 Q . 27.30 17.24 -1.61
O2 SO4 Q . 28.39 17.20 -3.76
O3 SO4 Q . 29.34 18.48 -1.98
O4 SO4 Q . 27.29 19.20 -3.02
C65 C3S R . 11.28 17.47 -7.74
C63 C3S R . 9.91 18.05 -7.31
C69 C3S R . 8.86 17.45 -8.28
C60 C3S R . 9.66 17.67 -5.83
C57 C3S R . 8.22 17.80 -5.25
C54 C3S R . 8.26 18.06 -3.72
C48 C3S R . 8.52 19.53 -3.27
C50 C3S R . 7.21 20.33 -3.48
C38 C3S R . 8.92 19.57 -1.76
C35 C3S R . 10.26 18.76 -1.51
C29 C3S R . 9.23 20.93 -1.00
C26 C3S R . 8.04 21.83 -0.56
C40 C3S R . 10.23 21.80 -1.87
C30 C3S R . 9.83 20.34 0.30
C32 C3S R . 10.86 19.28 -0.15
C18 C3S R . 10.39 21.48 1.27
C15 C3S R . 11.02 20.86 2.58
C20 C3S R . 9.19 22.48 1.61
C23 C3S R . 8.53 23.05 0.29
C22 C3S R . 9.68 23.62 2.61
C44 C3S R . 10.53 24.72 1.85
C12 C3S R . 10.52 23.03 3.78
C9 C3S R . 10.68 23.89 5.04
C13 C3S R . 11.11 21.81 3.75
C1 C3S R . 8.41 24.28 3.24
C4 C3S R . 8.76 25.36 4.30
C7 C3S R . 9.40 24.61 5.50
O6 C3S R . 9.85 25.47 6.55
S1 C3S R . 9.49 25.23 7.99
O3 C3S R . 10.11 26.27 8.82
O2 C3S R . 9.90 23.89 8.40
O4 C3S R . 8.02 25.34 8.06
C1 GOL S . -2.44 25.28 -1.40
O1 GOL S . -3.62 25.47 -2.18
C2 GOL S . -2.80 25.17 0.08
O2 GOL S . -2.82 23.76 0.44
C3 GOL S . -1.70 25.96 0.85
O3 GOL S . -1.77 25.72 2.25
#